data_4OV4
#
_entry.id   4OV4
#
_cell.length_a   129.937
_cell.length_b   129.937
_cell.length_c   46.693
_cell.angle_alpha   90.000
_cell.angle_beta   90.000
_cell.angle_gamma   120.000
#
_symmetry.space_group_name_H-M   'P 31 2 1'
#
loop_
_entity.id
_entity.type
_entity.pdbx_description
1 polymer '2-isopropylmalate synthase'
2 non-polymer 'ZINC ION'
3 non-polymer '3-METHYL-2-OXOBUTANOIC ACID'
4 water water
#
_entity_poly.entity_id   1
_entity_poly.type   'polypeptide(L)'
_entity_poly.pdbx_seq_one_letter_code
;MGSSHHHHHHSSGLVPRGSHMKPKTIHIQDVTLRDGNQALKRPWTIDEKIEVFDLLVELNVDGIEVGFPSSNETEFHTCQ
VLSKRAPKGKPIAALSRANQNEIAVTWEAIQKADCPRMHIVYPVSDFSIKHVLKISEKEVLQKIRNSISFARSIVGPGIE
IQFSGEHFGDAIENFAFTKEAFLTAIEAGANIINLPNTVERYRPMVFVNMVKEIKDVVKDKAIISIHTHNDLGMATATSV
ESVYVGAEQIEVALNGLGERAGNTNLYETAIALHQNGENLNINFQRIYPTAKRISELTGIPIGEKTPIIGEDIFSHRSGI
HQDGVTKTLHQSKGAYRTFSPEFVGRMDKETISFTNQSGHKAIEFLLHQRGIQVSKEGIHHLFSLAKSISSRENNREITE
AELVALSQSLLTYQ
;
_entity_poly.pdbx_strand_id   A
#
# COMPACT_ATOMS: atom_id res chain seq x y z
N PRO A 23 21.72 -3.09 7.50
CA PRO A 23 20.41 -3.63 7.13
C PRO A 23 19.28 -2.71 7.61
N LYS A 24 18.44 -2.25 6.68
CA LYS A 24 17.37 -1.27 7.00
C LYS A 24 16.15 -1.92 7.65
N THR A 25 15.61 -1.28 8.68
CA THR A 25 14.31 -1.69 9.21
C THR A 25 13.22 -0.84 8.55
N ILE A 26 12.25 -1.48 7.92
CA ILE A 26 11.15 -0.76 7.28
C ILE A 26 9.81 -1.32 7.73
N HIS A 27 9.05 -0.49 8.44
CA HIS A 27 7.73 -0.87 8.94
C HIS A 27 6.66 -0.38 8.00
N ILE A 28 5.73 -1.28 7.67
CA ILE A 28 4.60 -0.93 6.82
C ILE A 28 3.41 -0.62 7.73
N GLN A 29 2.98 0.64 7.70
CA GLN A 29 1.92 1.12 8.57
C GLN A 29 0.66 1.32 7.74
N ASP A 30 -0.38 0.55 8.04
CA ASP A 30 -1.60 0.67 7.24
C ASP A 30 -2.60 1.66 7.80
N VAL A 31 -3.09 2.54 6.93
CA VAL A 31 -4.06 3.56 7.31
C VAL A 31 -5.38 3.42 6.56
N THR A 32 -5.63 2.24 5.99
CA THR A 32 -6.87 1.94 5.26
C THR A 32 -8.13 2.25 6.08
N LEU A 33 -8.13 1.87 7.36
CA LEU A 33 -9.30 2.04 8.22
C LEU A 33 -9.54 3.49 8.64
N ARG A 34 -8.62 4.37 8.25
CA ARG A 34 -8.74 5.78 8.61
C ARG A 34 -8.81 6.65 7.35
N ASP A 35 -7.66 6.84 6.71
CA ASP A 35 -7.54 7.66 5.50
C ASP A 35 -8.37 7.03 4.38
N GLY A 36 -8.33 5.70 4.29
CA GLY A 36 -9.07 4.99 3.24
C GLY A 36 -10.57 5.04 3.46
N ASN A 37 -11.01 4.60 4.64
CA ASN A 37 -12.43 4.54 4.97
C ASN A 37 -13.14 5.90 4.86
N GLN A 38 -12.46 6.96 5.30
CA GLN A 38 -13.08 8.27 5.33
C GLN A 38 -13.23 8.93 3.94
N ALA A 39 -12.53 8.41 2.95
CA ALA A 39 -12.68 8.90 1.57
C ALA A 39 -13.67 8.04 0.76
N LEU A 40 -14.18 6.98 1.40
CA LEU A 40 -15.05 6.02 0.75
C LEU A 40 -16.42 6.62 0.43
N LYS A 41 -16.91 6.39 -0.79
CA LYS A 41 -18.29 6.73 -1.16
C LYS A 41 -19.28 6.10 -0.18
N ARG A 42 -19.01 4.84 0.17
CA ARG A 42 -19.85 4.07 1.08
C ARG A 42 -19.02 3.56 2.26
N PRO A 43 -18.87 4.37 3.33
CA PRO A 43 -18.05 3.98 4.49
C PRO A 43 -18.46 2.63 5.10
N TRP A 44 -17.50 1.95 5.72
CA TRP A 44 -17.71 0.59 6.19
C TRP A 44 -18.48 0.51 7.50
N THR A 45 -19.29 -0.53 7.61
CA THR A 45 -19.93 -0.90 8.88
C THR A 45 -18.89 -1.52 9.79
N ILE A 46 -19.22 -1.67 11.08
CA ILE A 46 -18.30 -2.24 12.06
C ILE A 46 -17.81 -3.64 11.66
N ASP A 47 -18.71 -4.48 11.15
CA ASP A 47 -18.32 -5.84 10.73
C ASP A 47 -17.43 -5.86 9.49
N GLU A 48 -17.60 -4.88 8.61
CA GLU A 48 -16.71 -4.73 7.44
C GLU A 48 -15.32 -4.24 7.88
N LYS A 49 -15.32 -3.29 8.82
CA LYS A 49 -14.06 -2.80 9.39
C LYS A 49 -13.29 -3.93 10.07
N ILE A 50 -14.00 -4.79 10.79
CA ILE A 50 -13.40 -5.94 11.44
C ILE A 50 -12.85 -6.92 10.41
N GLU A 51 -13.59 -7.12 9.32
CA GLU A 51 -13.09 -7.97 8.25
C GLU A 51 -11.80 -7.39 7.64
N VAL A 52 -11.78 -6.08 7.41
CA VAL A 52 -10.60 -5.41 6.86
C VAL A 52 -9.42 -5.50 7.83
N PHE A 53 -9.67 -5.22 9.10
CA PHE A 53 -8.67 -5.38 10.16
C PHE A 53 -8.04 -6.77 10.13
N ASP A 54 -8.89 -7.80 10.00
CA ASP A 54 -8.38 -9.19 10.00
C ASP A 54 -7.53 -9.46 8.77
N LEU A 55 -7.90 -8.88 7.64
CA LEU A 55 -7.09 -9.01 6.41
C LEU A 55 -5.70 -8.39 6.60
N LEU A 56 -5.67 -7.25 7.28
CA LEU A 56 -4.42 -6.56 7.60
C LEU A 56 -3.52 -7.37 8.53
N VAL A 57 -4.11 -7.98 9.56
CA VAL A 57 -3.38 -8.87 10.46
C VAL A 57 -2.77 -10.05 9.68
N GLU A 58 -3.56 -10.67 8.81
CA GLU A 58 -3.10 -11.80 8.00
C GLU A 58 -2.04 -11.40 6.97
N LEU A 59 -2.09 -10.16 6.51
CA LEU A 59 -1.10 -9.61 5.59
C LEU A 59 0.20 -9.33 6.34
N ASN A 60 0.10 -9.27 7.67
CA ASN A 60 1.24 -9.05 8.57
C ASN A 60 1.90 -7.68 8.40
N VAL A 61 1.06 -6.65 8.23
CA VAL A 61 1.54 -5.28 8.30
C VAL A 61 2.10 -5.04 9.69
N ASP A 62 2.96 -4.05 9.82
CA ASP A 62 3.66 -3.83 11.09
C ASP A 62 2.88 -2.97 12.08
N GLY A 63 1.78 -2.40 11.64
CA GLY A 63 0.95 -1.57 12.51
C GLY A 63 -0.29 -1.15 11.75
N ILE A 64 -1.33 -0.82 12.51
CA ILE A 64 -2.63 -0.53 11.92
C ILE A 64 -3.23 0.71 12.59
N GLU A 65 -3.55 1.73 11.80
CA GLU A 65 -4.29 2.87 12.31
C GLU A 65 -5.78 2.56 12.18
N VAL A 66 -6.46 2.45 13.31
CA VAL A 66 -7.83 1.93 13.31
C VAL A 66 -8.92 2.98 13.07
N GLY A 67 -8.57 4.26 13.20
CA GLY A 67 -9.55 5.32 12.98
C GLY A 67 -9.21 6.67 13.55
N PHE A 68 -10.26 7.49 13.69
CA PHE A 68 -10.18 8.87 14.11
C PHE A 68 -11.28 9.02 15.16
N PRO A 69 -11.08 8.45 16.36
CA PRO A 69 -12.17 8.20 17.33
C PRO A 69 -12.91 9.43 17.83
N SER A 70 -12.27 10.60 17.75
CA SER A 70 -12.91 11.87 18.07
C SER A 70 -14.02 12.30 17.10
N SER A 71 -14.02 11.74 15.90
CA SER A 71 -14.98 12.14 14.86
C SER A 71 -16.44 12.01 15.30
N ASN A 72 -16.79 10.85 15.86
CA ASN A 72 -18.14 10.53 16.30
C ASN A 72 -18.14 9.27 17.16
N GLU A 73 -19.28 8.99 17.79
CA GLU A 73 -19.40 7.85 18.71
C GLU A 73 -19.24 6.48 18.07
N THR A 74 -19.61 6.36 16.80
CA THR A 74 -19.49 5.09 16.08
C THR A 74 -18.03 4.74 15.87
N GLU A 75 -17.27 5.69 15.32
CA GLU A 75 -15.83 5.54 15.12
C GLU A 75 -15.11 5.30 16.45
N PHE A 76 -15.54 6.01 17.50
CA PHE A 76 -15.02 5.75 18.84
C PHE A 76 -15.20 4.29 19.22
N HIS A 77 -16.42 3.76 19.02
CA HIS A 77 -16.72 2.37 19.37
C HIS A 77 -15.89 1.39 18.58
N THR A 78 -15.81 1.63 17.28
CA THR A 78 -15.02 0.78 16.38
C THR A 78 -13.56 0.70 16.82
N CYS A 79 -12.96 1.84 17.13
CA CYS A 79 -11.57 1.90 17.59
C CYS A 79 -11.36 1.07 18.85
N GLN A 80 -12.32 1.15 19.79
CA GLN A 80 -12.26 0.37 21.03
C GLN A 80 -12.37 -1.14 20.77
N VAL A 81 -13.30 -1.54 19.91
CA VAL A 81 -13.46 -2.96 19.54
C VAL A 81 -12.18 -3.50 18.90
N LEU A 82 -11.66 -2.76 17.93
CA LEU A 82 -10.45 -3.18 17.21
C LEU A 82 -9.23 -3.20 18.13
N SER A 83 -9.15 -2.23 19.05
CA SER A 83 -8.08 -2.20 20.05
C SER A 83 -8.04 -3.46 20.91
N LYS A 84 -9.21 -3.96 21.31
CA LYS A 84 -9.28 -5.19 22.10
C LYS A 84 -9.06 -6.45 21.28
N ARG A 85 -9.42 -6.40 20.00
CA ARG A 85 -9.22 -7.52 19.08
C ARG A 85 -7.75 -7.67 18.68
N ALA A 86 -7.02 -6.55 18.70
CA ALA A 86 -5.65 -6.50 18.20
C ALA A 86 -4.73 -7.57 18.82
N PRO A 87 -3.90 -8.23 17.98
CA PRO A 87 -2.94 -9.19 18.49
C PRO A 87 -1.94 -8.51 19.42
N LYS A 88 -1.34 -9.28 20.32
CA LYS A 88 -0.29 -8.76 21.19
C LYS A 88 0.92 -8.32 20.37
N GLY A 89 1.52 -7.19 20.76
CA GLY A 89 2.72 -6.69 20.09
C GLY A 89 2.49 -5.96 18.77
N LYS A 90 1.24 -5.83 18.35
CA LYS A 90 0.93 -5.12 17.09
C LYS A 90 0.49 -3.68 17.35
N PRO A 91 1.30 -2.68 16.95
CA PRO A 91 0.94 -1.28 17.17
C PRO A 91 -0.44 -0.90 16.59
N ILE A 92 -1.30 -0.36 17.45
CA ILE A 92 -2.63 0.10 17.06
C ILE A 92 -2.67 1.60 17.25
N ALA A 93 -2.78 2.32 16.14
CA ALA A 93 -2.80 3.77 16.16
C ALA A 93 -4.19 4.35 15.96
N ALA A 94 -4.41 5.55 16.49
CA ALA A 94 -5.61 6.31 16.20
C ALA A 94 -5.20 7.76 16.11
N LEU A 95 -5.87 8.49 15.22
CA LEU A 95 -5.52 9.86 14.93
C LEU A 95 -6.29 10.86 15.78
N SER A 96 -5.58 11.90 16.21
CA SER A 96 -6.16 13.00 16.98
C SER A 96 -5.60 14.33 16.51
N ARG A 97 -6.43 15.37 16.54
CA ARG A 97 -5.90 16.72 16.36
C ARG A 97 -5.22 17.18 17.66
N ALA A 98 -4.56 18.33 17.60
CA ALA A 98 -3.63 18.74 18.63
C ALA A 98 -4.28 19.59 19.70
N ASN A 99 -5.15 18.96 20.49
CA ASN A 99 -5.80 19.61 21.62
C ASN A 99 -6.11 18.59 22.70
N GLN A 100 -6.01 19.04 23.95
CA GLN A 100 -6.04 18.17 25.11
C GLN A 100 -7.25 17.25 25.19
N ASN A 101 -8.45 17.80 25.01
CA ASN A 101 -9.68 17.02 25.17
C ASN A 101 -9.80 15.90 24.14
N GLU A 102 -9.47 16.24 22.90
CA GLU A 102 -9.49 15.26 21.80
C GLU A 102 -8.42 14.19 22.01
N ILE A 103 -7.25 14.60 22.48
CA ILE A 103 -6.19 13.66 22.81
C ILE A 103 -6.64 12.67 23.90
N ALA A 104 -7.28 13.19 24.95
CA ALA A 104 -7.79 12.32 26.03
C ALA A 104 -8.83 11.30 25.53
N VAL A 105 -9.78 11.77 24.71
CA VAL A 105 -10.77 10.88 24.07
C VAL A 105 -10.09 9.78 23.24
N THR A 106 -9.12 10.18 22.44
CA THR A 106 -8.37 9.23 21.60
C THR A 106 -7.72 8.15 22.46
N TRP A 107 -7.08 8.56 23.55
CA TRP A 107 -6.42 7.61 24.44
C TRP A 107 -7.42 6.63 25.03
N GLU A 108 -8.60 7.14 25.38
CA GLU A 108 -9.68 6.31 25.92
C GLU A 108 -10.09 5.26 24.88
N ALA A 109 -10.07 5.65 23.61
CA ALA A 109 -10.42 4.74 22.52
C ALA A 109 -9.46 3.56 22.37
N ILE A 110 -8.16 3.79 22.56
CA ILE A 110 -7.14 2.78 22.23
C ILE A 110 -6.36 2.17 23.40
N GLN A 111 -6.54 2.70 24.61
CA GLN A 111 -5.70 2.29 25.74
C GLN A 111 -5.73 0.78 26.02
N LYS A 112 -6.80 0.11 25.62
CA LYS A 112 -6.94 -1.33 25.88
C LYS A 112 -6.16 -2.22 24.92
N ALA A 113 -5.67 -1.66 23.80
CA ALA A 113 -4.83 -2.40 22.89
C ALA A 113 -3.55 -2.82 23.60
N ASP A 114 -3.00 -3.97 23.23
CA ASP A 114 -1.73 -4.41 23.81
C ASP A 114 -0.64 -3.35 23.58
N CYS A 115 -0.58 -2.82 22.34
CA CYS A 115 0.39 -1.79 21.98
C CYS A 115 -0.31 -0.60 21.34
N PRO A 116 -0.90 0.29 22.17
CA PRO A 116 -1.53 1.48 21.61
C PRO A 116 -0.48 2.48 21.14
N ARG A 117 -0.79 3.22 20.08
CA ARG A 117 0.08 4.26 19.59
C ARG A 117 -0.75 5.52 19.35
N MET A 118 -0.39 6.60 20.05
CA MET A 118 -1.07 7.89 19.90
C MET A 118 -0.52 8.62 18.66
N HIS A 119 -1.41 9.11 17.80
CA HIS A 119 -1.00 9.81 16.58
C HIS A 119 -1.62 11.18 16.55
N ILE A 120 -0.79 12.21 16.63
CA ILE A 120 -1.26 13.59 16.64
C ILE A 120 -0.80 14.33 15.40
N VAL A 121 -1.69 15.13 14.82
CA VAL A 121 -1.37 15.90 13.60
C VAL A 121 -1.53 17.39 13.87
N TYR A 122 -0.63 18.20 13.30
CA TYR A 122 -0.75 19.65 13.30
C TYR A 122 -0.07 20.22 12.05
N PRO A 123 -0.66 21.27 11.43
CA PRO A 123 -0.07 21.73 10.16
C PRO A 123 1.27 22.44 10.35
N VAL A 124 2.17 22.31 9.37
CA VAL A 124 3.50 22.92 9.44
C VAL A 124 3.91 23.75 8.21
N SER A 125 3.08 23.78 7.17
CA SER A 125 3.44 24.48 5.93
C SER A 125 3.24 25.99 6.05
N ASP A 126 4.01 26.75 5.27
CA ASP A 126 3.92 28.22 5.25
C ASP A 126 2.49 28.72 5.04
N PHE A 127 1.82 28.18 4.02
CA PHE A 127 0.45 28.54 3.70
C PHE A 127 -0.53 28.29 4.87
N SER A 128 -0.44 27.09 5.46
CA SER A 128 -1.29 26.72 6.59
C SER A 128 -1.15 27.70 7.75
N ILE A 129 0.09 28.05 8.07
CA ILE A 129 0.38 28.90 9.22
C ILE A 129 -0.02 30.35 8.96
N LYS A 130 0.34 30.86 7.79
CA LYS A 130 0.08 32.27 7.45
C LYS A 130 -1.35 32.57 7.02
N HIS A 131 -1.95 31.65 6.25
CA HIS A 131 -3.24 31.92 5.60
C HIS A 131 -4.41 31.13 6.11
N VAL A 132 -4.16 30.02 6.80
CA VAL A 132 -5.26 29.23 7.36
C VAL A 132 -5.35 29.46 8.87
N LEU A 133 -4.29 29.12 9.59
CA LEU A 133 -4.23 29.31 11.04
C LEU A 133 -4.08 30.78 11.41
N LYS A 134 -3.31 31.51 10.60
CA LYS A 134 -3.05 32.95 10.81
C LYS A 134 -2.47 33.21 12.20
N ILE A 135 -1.43 32.45 12.54
CA ILE A 135 -0.72 32.60 13.80
C ILE A 135 0.78 32.58 13.51
N SER A 136 1.59 32.93 14.49
CA SER A 136 3.04 32.98 14.28
C SER A 136 3.66 31.59 14.42
N GLU A 137 4.89 31.46 13.94
CA GLU A 137 5.64 30.21 14.05
C GLU A 137 5.90 29.81 15.50
N LYS A 138 6.20 30.80 16.34
CA LYS A 138 6.38 30.57 17.78
C LYS A 138 5.12 29.95 18.42
N GLU A 139 3.95 30.44 18.04
CA GLU A 139 2.68 29.87 18.51
C GLU A 139 2.49 28.43 18.04
N VAL A 140 2.88 28.16 16.79
CA VAL A 140 2.83 26.79 16.24
C VAL A 140 3.70 25.85 17.08
N LEU A 141 4.94 26.26 17.36
CA LEU A 141 5.83 25.43 18.17
C LEU A 141 5.23 25.16 19.54
N GLN A 142 4.65 26.19 20.14
CA GLN A 142 4.01 26.06 21.45
C GLN A 142 2.89 25.02 21.42
N LYS A 143 2.06 25.10 20.38
CA LYS A 143 0.95 24.17 20.24
C LYS A 143 1.43 22.73 20.08
N ILE A 144 2.48 22.56 19.29
CA ILE A 144 3.06 21.24 19.05
C ILE A 144 3.63 20.67 20.35
N ARG A 145 4.49 21.45 21.01
CA ARG A 145 5.08 21.05 22.28
C ARG A 145 4.00 20.73 23.31
N ASN A 146 3.03 21.63 23.47
CA ASN A 146 1.99 21.42 24.49
C ASN A 146 1.16 20.17 24.24
N SER A 147 0.79 19.93 22.98
CA SER A 147 -0.06 18.79 22.67
C SER A 147 0.67 17.46 22.86
N ILE A 148 1.93 17.40 22.40
CA ILE A 148 2.72 16.16 22.58
C ILE A 148 3.04 15.94 24.06
N SER A 149 3.42 17.01 24.76
CA SER A 149 3.74 16.89 26.20
C SER A 149 2.52 16.39 26.97
N PHE A 150 1.36 16.97 26.67
CA PHE A 150 0.11 16.53 27.31
C PHE A 150 -0.17 15.07 27.01
N ALA A 151 -0.03 14.67 25.75
CA ALA A 151 -0.23 13.27 25.36
C ALA A 151 0.67 12.34 26.18
N ARG A 152 1.95 12.73 26.33
CA ARG A 152 2.89 11.92 27.09
C ARG A 152 2.46 11.86 28.56
N SER A 153 1.88 12.95 29.07
CA SER A 153 1.42 13.02 30.47
C SER A 153 0.29 12.04 30.78
N ILE A 154 -0.52 11.71 29.76
CA ILE A 154 -1.63 10.77 29.98
C ILE A 154 -1.32 9.33 29.59
N VAL A 155 -0.39 9.10 28.65
CA VAL A 155 -0.12 7.73 28.21
C VAL A 155 1.03 7.06 28.98
N GLY A 156 1.90 7.86 29.60
CA GLY A 156 3.06 7.32 30.30
C GLY A 156 4.23 7.05 29.36
N PRO A 157 5.38 6.62 29.93
CA PRO A 157 6.66 6.44 29.22
C PRO A 157 6.73 5.30 28.21
N GLY A 158 5.98 4.23 28.42
CA GLY A 158 6.13 3.06 27.54
C GLY A 158 5.48 3.14 26.15
N ILE A 159 4.77 4.24 25.88
CA ILE A 159 3.82 4.30 24.78
C ILE A 159 4.35 5.15 23.62
N GLU A 160 4.23 4.62 22.40
CA GLU A 160 4.74 5.32 21.21
C GLU A 160 3.80 6.47 20.87
N ILE A 161 4.39 7.63 20.61
CA ILE A 161 3.64 8.80 20.17
C ILE A 161 4.17 9.22 18.80
N GLN A 162 3.27 9.32 17.83
CA GLN A 162 3.63 9.75 16.49
C GLN A 162 3.13 11.16 16.26
N PHE A 163 3.99 12.02 15.71
CA PHE A 163 3.54 13.36 15.34
C PHE A 163 3.62 13.55 13.83
N SER A 164 2.52 13.97 13.21
CA SER A 164 2.50 14.33 11.78
C SER A 164 2.47 15.83 11.59
N GLY A 165 3.39 16.33 10.78
CA GLY A 165 3.34 17.74 10.36
C GLY A 165 2.52 17.85 9.11
N GLU A 166 1.23 18.14 9.25
CA GLU A 166 0.33 18.23 8.12
C GLU A 166 0.86 19.21 7.07
N HIS A 167 0.75 18.83 5.80
CA HIS A 167 1.21 19.65 4.64
C HIS A 167 2.70 19.85 4.58
N PHE A 168 3.46 18.97 5.23
CA PHE A 168 4.92 19.02 5.20
C PHE A 168 5.45 19.12 3.76
N GLY A 169 4.84 18.37 2.84
CA GLY A 169 5.27 18.35 1.44
C GLY A 169 5.19 19.71 0.76
N ASP A 170 4.37 20.60 1.31
CA ASP A 170 4.25 21.97 0.79
C ASP A 170 5.01 23.02 1.62
N ALA A 171 5.80 22.56 2.60
CA ALA A 171 6.55 23.48 3.46
C ALA A 171 7.85 23.91 2.78
N ILE A 172 7.72 24.60 1.65
CA ILE A 172 8.85 24.96 0.81
C ILE A 172 9.50 26.26 1.32
N GLU A 173 8.71 27.32 1.42
CA GLU A 173 9.19 28.64 1.84
C GLU A 173 9.61 28.69 3.31
N ASN A 174 8.99 27.84 4.14
CA ASN A 174 9.34 27.75 5.55
C ASN A 174 9.97 26.41 5.94
N PHE A 175 10.78 25.85 5.05
CA PHE A 175 11.36 24.54 5.32
C PHE A 175 12.21 24.51 6.59
N ALA A 176 13.03 25.53 6.81
CA ALA A 176 13.83 25.59 8.03
C ALA A 176 12.96 25.51 9.29
N PHE A 177 11.81 26.18 9.27
CA PHE A 177 10.88 26.10 10.42
C PHE A 177 10.47 24.67 10.71
N THR A 178 10.31 23.90 9.65
CA THR A 178 9.82 22.55 9.76
C THR A 178 10.77 21.68 10.61
N LYS A 179 12.08 21.92 10.49
CA LYS A 179 13.07 21.24 11.32
C LYS A 179 12.87 21.56 12.81
N GLU A 180 12.59 22.82 13.10
CA GLU A 180 12.30 23.27 14.46
C GLU A 180 11.05 22.59 15.01
N ALA A 181 10.02 22.50 14.17
CA ALA A 181 8.74 21.90 14.57
C ALA A 181 8.90 20.44 14.95
N PHE A 182 9.66 19.69 14.15
CA PHE A 182 9.83 18.27 14.42
C PHE A 182 10.78 18.00 15.59
N LEU A 183 11.81 18.83 15.72
CA LEU A 183 12.70 18.70 16.86
C LEU A 183 11.96 19.01 18.16
N THR A 184 11.08 20.01 18.10
CA THR A 184 10.19 20.36 19.22
C THR A 184 9.30 19.18 19.61
N ALA A 185 8.66 18.56 18.61
CA ALA A 185 7.80 17.41 18.84
C ALA A 185 8.56 16.25 19.51
N ILE A 186 9.78 15.99 19.02
CA ILE A 186 10.60 14.89 19.57
C ILE A 186 10.97 15.18 21.02
N GLU A 187 11.43 16.41 21.29
CA GLU A 187 11.85 16.78 22.64
C GLU A 187 10.66 16.69 23.62
N ALA A 188 9.47 16.98 23.12
CA ALA A 188 8.25 16.90 23.95
C ALA A 188 7.78 15.46 24.19
N GLY A 189 8.29 14.52 23.39
CA GLY A 189 7.98 13.10 23.59
C GLY A 189 7.62 12.27 22.38
N ALA A 190 7.66 12.85 21.19
CA ALA A 190 7.33 12.10 19.97
C ALA A 190 8.43 11.10 19.64
N ASN A 191 8.02 9.84 19.47
CA ASN A 191 8.93 8.75 19.11
C ASN A 191 9.01 8.55 17.61
N ILE A 192 7.96 8.97 16.91
CA ILE A 192 7.89 8.87 15.45
C ILE A 192 7.50 10.22 14.89
N ILE A 193 8.25 10.67 13.89
CA ILE A 193 7.92 11.87 13.14
C ILE A 193 7.40 11.45 11.76
N ASN A 194 6.15 11.79 11.47
CA ASN A 194 5.52 11.41 10.21
C ASN A 194 5.48 12.61 9.26
N LEU A 195 6.01 12.40 8.06
CA LEU A 195 6.14 13.45 7.06
C LEU A 195 5.17 13.19 5.91
N PRO A 196 4.01 13.89 5.92
CA PRO A 196 3.06 13.65 4.84
C PRO A 196 3.28 14.53 3.61
N ASN A 197 3.12 13.92 2.44
CA ASN A 197 2.94 14.65 1.19
C ASN A 197 1.43 14.68 0.97
N THR A 198 0.80 15.56 1.73
CA THR A 198 -0.66 15.67 1.84
C THR A 198 -1.34 15.82 0.48
N VAL A 199 -0.74 16.65 -0.37
CA VAL A 199 -1.15 16.79 -1.76
C VAL A 199 0.11 16.60 -2.60
N GLU A 200 0.05 15.72 -3.60
CA GLU A 200 1.22 15.50 -4.45
C GLU A 200 1.27 16.61 -5.49
N ARG A 201 2.28 17.48 -5.40
CA ARG A 201 2.35 18.71 -6.21
C ARG A 201 3.58 18.77 -7.13
N TYR A 202 4.66 18.11 -6.73
CA TYR A 202 5.92 18.26 -7.45
C TYR A 202 6.59 17.07 -8.12
N ARG A 203 7.49 16.41 -7.41
CA ARG A 203 8.23 15.31 -7.98
C ARG A 203 8.90 14.63 -6.80
N PRO A 204 9.06 13.29 -6.86
CA PRO A 204 9.57 12.55 -5.72
C PRO A 204 10.83 13.14 -5.11
N MET A 205 11.80 13.57 -5.91
CA MET A 205 13.08 13.98 -5.35
C MET A 205 13.05 15.33 -4.62
N VAL A 206 12.04 16.14 -4.91
CA VAL A 206 11.79 17.36 -4.14
C VAL A 206 11.35 16.97 -2.71
N PHE A 207 10.33 16.12 -2.61
CA PHE A 207 9.91 15.58 -1.32
C PHE A 207 11.03 14.82 -0.65
N VAL A 208 11.69 13.93 -1.39
CA VAL A 208 12.74 13.08 -0.83
C VAL A 208 13.92 13.89 -0.28
N ASN A 209 14.32 14.94 -0.98
CA ASN A 209 15.37 15.83 -0.47
C ASN A 209 14.98 16.46 0.87
N MET A 210 13.71 16.80 1.03
CA MET A 210 13.21 17.36 2.29
C MET A 210 13.27 16.32 3.40
N VAL A 211 12.82 15.10 3.11
CA VAL A 211 12.95 13.97 4.03
C VAL A 211 14.41 13.81 4.48
N LYS A 212 15.34 13.83 3.52
CA LYS A 212 16.77 13.67 3.81
C LYS A 212 17.25 14.72 4.81
N GLU A 213 16.89 15.98 4.58
CA GLU A 213 17.31 17.08 5.45
C GLU A 213 16.71 16.96 6.85
N ILE A 214 15.46 16.50 6.94
CA ILE A 214 14.86 16.20 8.25
C ILE A 214 15.65 15.09 8.97
N LYS A 215 15.95 14.01 8.26
CA LYS A 215 16.73 12.91 8.83
C LYS A 215 18.11 13.38 9.31
N ASP A 216 18.71 14.33 8.58
CA ASP A 216 20.02 14.88 8.91
C ASP A 216 20.04 15.54 10.29
N VAL A 217 18.90 16.10 10.71
CA VAL A 217 18.83 16.76 12.02
C VAL A 217 18.18 15.89 13.11
N VAL A 218 17.31 14.97 12.71
CA VAL A 218 16.66 14.06 13.65
C VAL A 218 17.64 12.96 14.05
N LYS A 219 18.41 12.45 13.09
CA LYS A 219 19.36 11.36 13.32
C LYS A 219 18.67 10.14 13.97
N ASP A 220 19.13 9.71 15.14
CA ASP A 220 18.54 8.56 15.82
C ASP A 220 17.54 8.92 16.92
N LYS A 221 17.17 10.19 16.98
CA LYS A 221 16.26 10.69 18.03
C LYS A 221 14.82 10.23 17.88
N ALA A 222 14.43 9.88 16.66
CA ALA A 222 13.08 9.39 16.39
C ALA A 222 13.08 8.62 15.07
N ILE A 223 12.04 7.84 14.87
CA ILE A 223 11.76 7.16 13.61
C ILE A 223 11.16 8.18 12.63
N ILE A 224 11.64 8.19 11.40
CA ILE A 224 11.02 9.00 10.35
C ILE A 224 10.01 8.12 9.59
N SER A 225 8.78 8.58 9.52
CA SER A 225 7.71 7.92 8.77
C SER A 225 7.30 8.86 7.64
N ILE A 226 6.86 8.30 6.50
CA ILE A 226 6.30 9.13 5.44
C ILE A 226 4.90 8.65 5.06
N HIS A 227 4.13 9.60 4.54
CA HIS A 227 2.71 9.43 4.27
C HIS A 227 2.39 10.22 3.01
N THR A 228 2.50 9.59 1.85
CA THR A 228 2.34 10.32 0.59
C THR A 228 1.01 10.01 -0.10
N HIS A 229 0.45 11.01 -0.78
CA HIS A 229 -0.72 10.82 -1.60
C HIS A 229 -0.37 10.78 -3.07
N ASN A 230 -1.33 10.39 -3.90
CA ASN A 230 -1.06 9.92 -5.26
C ASN A 230 -1.61 10.79 -6.40
N ASP A 231 -1.74 12.09 -6.17
CA ASP A 231 -2.38 13.00 -7.14
C ASP A 231 -1.71 13.05 -8.52
N LEU A 232 -0.39 12.86 -8.56
CA LEU A 232 0.33 12.84 -9.83
C LEU A 232 0.82 11.44 -10.23
N GLY A 233 0.30 10.41 -9.57
CA GLY A 233 0.66 9.01 -9.85
C GLY A 233 2.08 8.63 -9.39
N MET A 234 2.62 9.37 -8.43
CA MET A 234 4.00 9.12 -7.98
C MET A 234 4.15 8.84 -6.47
N ALA A 235 3.06 8.44 -5.80
CA ALA A 235 3.13 8.12 -4.37
C ALA A 235 4.06 6.94 -4.04
N THR A 236 3.95 5.84 -4.79
CA THR A 236 4.79 4.65 -4.55
C THR A 236 6.28 5.01 -4.64
N ALA A 237 6.64 5.71 -5.71
CA ALA A 237 8.03 6.12 -5.91
C ALA A 237 8.52 7.02 -4.80
N THR A 238 7.70 7.98 -4.40
CA THR A 238 8.09 8.94 -3.38
C THR A 238 8.35 8.21 -2.06
N SER A 239 7.47 7.27 -1.73
CA SER A 239 7.59 6.48 -0.51
C SER A 239 8.81 5.57 -0.55
N VAL A 240 8.99 4.87 -1.66
CA VAL A 240 10.12 3.96 -1.85
C VAL A 240 11.46 4.70 -1.76
N GLU A 241 11.58 5.83 -2.45
CA GLU A 241 12.83 6.58 -2.43
C GLU A 241 13.13 7.22 -1.07
N SER A 242 12.08 7.51 -0.30
CA SER A 242 12.24 8.06 1.06
C SER A 242 13.00 7.11 1.98
N VAL A 243 12.81 5.81 1.77
CA VAL A 243 13.52 4.77 2.53
C VAL A 243 15.03 4.95 2.38
N TYR A 244 15.46 5.32 1.17
CA TYR A 244 16.89 5.39 0.87
C TYR A 244 17.53 6.69 1.31
N VAL A 245 16.75 7.54 1.97
CA VAL A 245 17.32 8.68 2.72
C VAL A 245 17.02 8.60 4.23
N GLY A 246 16.56 7.45 4.70
CA GLY A 246 16.42 7.24 6.15
C GLY A 246 15.03 7.02 6.74
N ALA A 247 13.98 7.01 5.92
CA ALA A 247 12.63 6.72 6.45
C ALA A 247 12.54 5.24 6.83
N GLU A 248 12.00 4.95 8.02
CA GLU A 248 11.89 3.58 8.50
C GLU A 248 10.43 3.12 8.70
N GLN A 249 9.49 4.00 8.33
CA GLN A 249 8.07 3.65 8.31
C GLN A 249 7.36 4.28 7.10
N ILE A 250 6.53 3.49 6.44
CA ILE A 250 5.73 3.99 5.33
C ILE A 250 4.24 3.78 5.60
N GLU A 251 3.48 4.85 5.54
CA GLU A 251 2.02 4.74 5.68
C GLU A 251 1.39 4.48 4.32
N VAL A 252 0.55 3.45 4.25
CA VAL A 252 0.03 2.94 3.00
C VAL A 252 -1.42 2.53 3.19
N ALA A 253 -2.08 2.18 2.10
CA ALA A 253 -3.45 1.71 2.15
C ALA A 253 -3.65 0.60 1.16
N LEU A 254 -4.54 -0.33 1.51
CA LEU A 254 -4.91 -1.41 0.62
C LEU A 254 -5.55 -0.85 -0.64
N ASN A 255 -5.21 -1.44 -1.79
CA ASN A 255 -5.80 -1.06 -3.08
C ASN A 255 -5.69 0.43 -3.41
N GLY A 256 -4.76 1.12 -2.77
CA GLY A 256 -4.58 2.57 -2.99
C GLY A 256 -5.82 3.38 -2.62
N LEU A 257 -6.57 2.92 -1.62
CA LEU A 257 -7.69 3.71 -1.08
C LEU A 257 -7.12 4.97 -0.44
N GLY A 258 -8.00 5.91 -0.10
CA GLY A 258 -7.57 7.15 0.57
C GLY A 258 -8.03 8.38 -0.17
N GLU A 259 -7.69 9.54 0.36
CA GLU A 259 -8.12 10.83 -0.19
C GLU A 259 -7.76 10.96 -1.67
N ARG A 260 -8.76 11.32 -2.47
CA ARG A 260 -8.61 11.70 -3.89
C ARG A 260 -8.12 10.46 -4.68
N ALA A 261 -6.97 10.59 -5.37
CA ALA A 261 -6.34 9.45 -6.03
C ALA A 261 -5.85 8.35 -5.07
N GLY A 262 -5.78 8.68 -3.78
CA GLY A 262 -5.51 7.67 -2.76
C GLY A 262 -4.19 7.84 -2.03
N ASN A 263 -4.01 7.01 -1.01
CA ASN A 263 -2.74 6.88 -0.32
C ASN A 263 -1.82 5.98 -1.12
N THR A 264 -0.54 6.01 -0.76
CA THR A 264 0.45 5.07 -1.28
C THR A 264 -0.08 3.65 -1.25
N ASN A 265 0.01 2.98 -2.39
CA ASN A 265 -0.53 1.64 -2.55
C ASN A 265 0.31 0.64 -1.77
N LEU A 266 -0.30 -0.12 -0.87
CA LEU A 266 0.48 -1.09 -0.06
C LEU A 266 1.25 -2.10 -0.92
N TYR A 267 0.58 -2.68 -1.91
CA TYR A 267 1.15 -3.77 -2.69
C TYR A 267 2.34 -3.36 -3.52
N GLU A 268 2.23 -2.25 -4.23
CA GLU A 268 3.31 -1.74 -5.06
C GLU A 268 4.51 -1.41 -4.21
N THR A 269 4.28 -0.77 -3.07
CA THR A 269 5.35 -0.37 -2.16
C THR A 269 6.06 -1.59 -1.58
N ALA A 270 5.29 -2.59 -1.13
CA ALA A 270 5.87 -3.78 -0.51
C ALA A 270 6.68 -4.57 -1.54
N ILE A 271 6.10 -4.81 -2.71
CA ILE A 271 6.78 -5.54 -3.78
C ILE A 271 8.04 -4.78 -4.25
N ALA A 272 7.93 -3.47 -4.49
CA ALA A 272 9.11 -2.68 -4.90
C ALA A 272 10.27 -2.80 -3.90
N LEU A 273 9.96 -2.66 -2.62
CA LEU A 273 11.00 -2.73 -1.59
C LEU A 273 11.64 -4.11 -1.54
N HIS A 274 10.81 -5.14 -1.64
CA HIS A 274 11.27 -6.54 -1.72
C HIS A 274 12.17 -6.75 -2.92
N GLN A 275 11.74 -6.29 -4.10
CA GLN A 275 12.55 -6.41 -5.33
C GLN A 275 13.89 -5.68 -5.23
N ASN A 276 13.94 -4.63 -4.43
CA ASN A 276 15.18 -3.90 -4.17
C ASN A 276 16.05 -4.50 -3.08
N GLY A 277 15.66 -5.67 -2.57
CA GLY A 277 16.48 -6.40 -1.61
C GLY A 277 16.17 -6.12 -0.15
N GLU A 278 15.07 -5.40 0.12
CA GLU A 278 14.74 -5.09 1.51
C GLU A 278 13.95 -6.22 2.17
N ASN A 279 14.04 -6.26 3.50
CA ASN A 279 13.36 -7.30 4.27
C ASN A 279 12.09 -6.74 4.91
N LEU A 280 10.95 -7.24 4.46
CA LEU A 280 9.67 -6.83 5.03
C LEU A 280 8.96 -8.01 5.67
N ASN A 281 8.11 -7.72 6.64
CA ASN A 281 7.33 -8.74 7.32
C ASN A 281 6.07 -9.14 6.54
N ILE A 282 5.72 -8.36 5.53
CA ILE A 282 4.53 -8.61 4.71
C ILE A 282 4.44 -10.04 4.20
N ASN A 283 3.26 -10.65 4.36
CA ASN A 283 2.96 -11.91 3.71
C ASN A 283 2.56 -11.61 2.26
N PHE A 284 3.56 -11.64 1.36
CA PHE A 284 3.35 -11.25 -0.04
C PHE A 284 2.30 -12.07 -0.75
N GLN A 285 2.17 -13.34 -0.36
CA GLN A 285 1.24 -14.26 -0.99
C GLN A 285 -0.21 -13.99 -0.61
N ARG A 286 -0.42 -13.14 0.40
CA ARG A 286 -1.77 -12.69 0.73
C ARG A 286 -2.22 -11.48 -0.11
N ILE A 287 -1.33 -10.97 -0.96
CA ILE A 287 -1.62 -9.71 -1.68
C ILE A 287 -2.86 -9.78 -2.56
N TYR A 288 -2.89 -10.77 -3.46
CA TYR A 288 -4.00 -10.87 -4.38
C TYR A 288 -5.36 -11.23 -3.74
N PRO A 289 -5.41 -12.23 -2.84
CA PRO A 289 -6.70 -12.51 -2.19
C PRO A 289 -7.21 -11.32 -1.40
N THR A 290 -6.29 -10.58 -0.77
CA THR A 290 -6.68 -9.37 -0.05
C THR A 290 -7.29 -8.33 -0.99
N ALA A 291 -6.60 -8.06 -2.10
CA ALA A 291 -7.01 -7.01 -3.03
C ALA A 291 -8.38 -7.31 -3.64
N LYS A 292 -8.58 -8.59 -3.97
CA LYS A 292 -9.85 -9.06 -4.53
C LYS A 292 -10.99 -8.80 -3.55
N ARG A 293 -10.77 -9.13 -2.27
CA ARG A 293 -11.79 -8.93 -1.25
C ARG A 293 -12.06 -7.44 -0.99
N ILE A 294 -10.99 -6.64 -0.92
CA ILE A 294 -11.13 -5.18 -0.75
C ILE A 294 -11.89 -4.57 -1.91
N SER A 295 -11.58 -5.05 -3.11
CA SER A 295 -12.31 -4.64 -4.31
C SER A 295 -13.82 -4.87 -4.17
N GLU A 296 -14.20 -6.05 -3.69
CA GLU A 296 -15.61 -6.37 -3.45
C GLU A 296 -16.24 -5.47 -2.38
N LEU A 297 -15.50 -5.21 -1.30
CA LEU A 297 -15.99 -4.38 -0.19
C LEU A 297 -16.15 -2.89 -0.52
N THR A 298 -15.44 -2.44 -1.56
CA THR A 298 -15.52 -1.03 -1.95
C THR A 298 -16.27 -0.81 -3.25
N GLY A 299 -16.51 -1.89 -3.99
CA GLY A 299 -17.14 -1.78 -5.30
C GLY A 299 -16.25 -1.09 -6.34
N ILE A 300 -14.95 -1.04 -6.06
CA ILE A 300 -13.98 -0.48 -7.00
C ILE A 300 -13.26 -1.65 -7.69
N PRO A 301 -13.57 -1.91 -8.98
CA PRO A 301 -12.91 -3.01 -9.67
C PRO A 301 -11.39 -2.82 -9.69
N ILE A 302 -10.66 -3.94 -9.76
CA ILE A 302 -9.21 -3.90 -10.00
C ILE A 302 -9.00 -3.74 -11.51
N GLY A 303 -8.43 -2.61 -11.94
CA GLY A 303 -8.14 -2.40 -13.36
C GLY A 303 -7.24 -3.50 -13.92
N GLU A 304 -7.53 -3.98 -15.12
CA GLU A 304 -6.74 -5.08 -15.72
C GLU A 304 -5.25 -4.76 -15.95
N LYS A 305 -4.89 -3.47 -15.96
CA LYS A 305 -3.48 -3.11 -16.13
C LYS A 305 -2.83 -2.58 -14.84
N THR A 306 -3.56 -2.66 -13.72
CA THR A 306 -3.05 -2.26 -12.40
C THR A 306 -1.79 -3.09 -12.06
N PRO A 307 -0.69 -2.43 -11.66
CA PRO A 307 0.52 -3.17 -11.27
C PRO A 307 0.24 -4.22 -10.20
N ILE A 308 1.01 -5.32 -10.23
CA ILE A 308 0.93 -6.40 -9.21
C ILE A 308 -0.33 -7.28 -9.32
N ILE A 309 -1.50 -6.65 -9.32
CA ILE A 309 -2.76 -7.38 -9.16
C ILE A 309 -3.69 -7.33 -10.38
N GLY A 310 -3.32 -6.57 -11.41
CA GLY A 310 -4.17 -6.42 -12.60
C GLY A 310 -4.32 -7.73 -13.35
N GLU A 311 -5.51 -7.97 -13.90
CA GLU A 311 -5.80 -9.23 -14.59
C GLU A 311 -4.82 -9.53 -15.74
N ASP A 312 -4.44 -8.48 -16.48
CA ASP A 312 -3.69 -8.65 -17.72
C ASP A 312 -2.17 -8.39 -17.64
N ILE A 313 -1.62 -8.18 -16.44
CA ILE A 313 -0.22 -7.76 -16.32
C ILE A 313 0.84 -8.86 -16.52
N PHE A 314 0.41 -10.12 -16.59
CA PHE A 314 1.36 -11.22 -16.86
C PHE A 314 1.28 -11.71 -18.30
N SER A 315 0.54 -11.00 -19.13
CA SER A 315 0.39 -11.34 -20.54
C SER A 315 1.58 -10.83 -21.35
N HIS A 316 2.09 -11.70 -22.22
CA HIS A 316 3.12 -11.30 -23.17
C HIS A 316 2.61 -11.60 -24.56
N ARG A 317 1.88 -10.63 -25.10
CA ARG A 317 1.09 -10.78 -26.33
C ARG A 317 1.76 -10.26 -27.59
N SER A 318 2.75 -9.39 -27.43
CA SER A 318 3.32 -8.65 -28.56
C SER A 318 3.86 -9.57 -29.67
N GLY A 319 4.24 -10.80 -29.29
CA GLY A 319 4.77 -11.79 -30.23
C GLY A 319 3.81 -12.15 -31.36
N ILE A 320 2.53 -12.28 -31.02
CA ILE A 320 1.46 -12.62 -31.97
C ILE A 320 1.49 -11.77 -33.26
N HIS A 321 2.16 -10.62 -33.20
CA HIS A 321 2.19 -9.69 -34.33
C HIS A 321 3.23 -9.97 -35.38
N GLN A 322 4.26 -10.76 -35.02
CA GLN A 322 5.35 -11.06 -35.97
C GLN A 322 4.92 -12.08 -37.02
N HIS A 330 8.61 -19.01 -22.38
CA HIS A 330 9.55 -19.22 -21.22
C HIS A 330 10.60 -18.16 -21.29
N GLN A 331 10.90 -17.71 -22.52
CA GLN A 331 11.81 -16.58 -22.75
C GLN A 331 11.17 -15.27 -22.26
N SER A 332 9.90 -15.08 -22.62
CA SER A 332 9.11 -13.93 -22.13
C SER A 332 9.04 -13.92 -20.60
N LYS A 333 8.71 -15.09 -20.02
CA LYS A 333 8.63 -15.23 -18.57
C LYS A 333 9.96 -14.94 -17.87
N GLY A 334 11.05 -15.36 -18.50
CA GLY A 334 12.40 -15.23 -17.94
C GLY A 334 13.01 -13.84 -17.99
N ALA A 335 12.84 -13.17 -19.13
CA ALA A 335 13.49 -11.87 -19.37
C ALA A 335 12.59 -10.65 -19.13
N TYR A 336 11.28 -10.89 -18.97
CA TYR A 336 10.30 -9.80 -18.91
C TYR A 336 9.37 -9.81 -17.69
N ARG A 337 9.72 -10.60 -16.68
CA ARG A 337 8.95 -10.64 -15.44
C ARG A 337 9.81 -10.30 -14.23
N THR A 338 9.26 -9.50 -13.33
CA THR A 338 9.94 -9.10 -12.09
C THR A 338 9.78 -10.20 -11.03
N PHE A 339 8.54 -10.67 -10.87
CA PHE A 339 8.15 -11.63 -9.85
C PHE A 339 7.09 -12.55 -10.49
N SER A 340 6.88 -13.73 -9.91
CA SER A 340 5.88 -14.66 -10.45
C SER A 340 4.46 -14.35 -9.95
N PRO A 341 3.43 -14.79 -10.71
CA PRO A 341 2.04 -14.65 -10.25
C PRO A 341 1.85 -15.26 -8.87
N GLU A 342 2.45 -16.43 -8.66
CA GLU A 342 2.26 -17.18 -7.41
C GLU A 342 2.85 -16.43 -6.22
N PHE A 343 3.90 -15.65 -6.45
CA PHE A 343 4.51 -14.86 -5.38
C PHE A 343 3.52 -13.91 -4.68
N VAL A 344 2.54 -13.41 -5.42
CA VAL A 344 1.54 -12.50 -4.86
C VAL A 344 0.18 -13.17 -4.63
N GLY A 345 0.14 -14.50 -4.77
CA GLY A 345 -1.06 -15.26 -4.46
C GLY A 345 -2.02 -15.44 -5.61
N ARG A 346 -1.51 -15.27 -6.84
CA ARG A 346 -2.28 -15.49 -8.06
C ARG A 346 -1.90 -16.80 -8.73
N MET A 347 -2.82 -17.35 -9.52
CA MET A 347 -2.51 -18.49 -10.37
C MET A 347 -1.94 -18.00 -11.70
N ASP A 348 -0.91 -18.69 -12.21
CA ASP A 348 -0.38 -18.38 -13.54
C ASP A 348 -1.36 -18.90 -14.58
N LYS A 349 -1.95 -18.00 -15.37
CA LYS A 349 -2.95 -18.38 -16.36
C LYS A 349 -2.42 -18.39 -17.79
N GLU A 350 -1.15 -18.03 -17.96
CA GLU A 350 -0.48 -18.05 -19.25
C GLU A 350 -0.13 -19.49 -19.65
N THR A 351 -1.12 -20.20 -20.20
CA THR A 351 -0.97 -21.59 -20.62
C THR A 351 -1.05 -21.70 -22.14
N ILE A 352 -0.04 -22.33 -22.74
CA ILE A 352 0.02 -22.52 -24.19
C ILE A 352 -1.21 -23.30 -24.69
N SER A 353 -1.96 -22.67 -25.59
CA SER A 353 -3.20 -23.24 -26.12
C SER A 353 -3.09 -23.50 -27.62
N PHE A 354 -3.93 -24.40 -28.11
CA PHE A 354 -3.93 -24.77 -29.54
C PHE A 354 -5.18 -24.26 -30.25
N THR A 355 -5.78 -23.18 -29.72
CA THR A 355 -7.08 -22.73 -30.20
C THR A 355 -7.15 -21.25 -30.63
N ASN A 356 -6.00 -20.59 -30.76
CA ASN A 356 -5.98 -19.16 -31.06
C ASN A 356 -4.95 -18.74 -32.11
N GLN A 357 -4.61 -17.44 -32.14
CA GLN A 357 -3.59 -16.90 -33.03
C GLN A 357 -2.20 -17.47 -32.75
N SER A 358 -1.99 -17.93 -31.52
CA SER A 358 -0.83 -18.74 -31.18
C SER A 358 -0.98 -20.26 -31.30
N GLY A 359 -2.23 -20.71 -31.38
CA GLY A 359 -2.62 -22.11 -31.70
C GLY A 359 -1.89 -22.91 -32.76
N HIS A 360 -1.73 -22.31 -33.94
CA HIS A 360 -1.13 -22.96 -35.11
C HIS A 360 0.32 -23.31 -34.90
N LYS A 361 1.11 -22.36 -34.42
CA LYS A 361 2.54 -22.55 -34.18
C LYS A 361 2.83 -23.52 -33.04
N ALA A 362 1.92 -23.59 -32.07
CA ALA A 362 2.00 -24.52 -30.95
C ALA A 362 1.91 -25.97 -31.40
N ILE A 363 1.03 -26.25 -32.36
CA ILE A 363 0.87 -27.59 -32.94
C ILE A 363 2.15 -27.99 -33.69
N GLU A 364 2.72 -27.04 -34.43
CA GLU A 364 4.02 -27.22 -35.09
C GLU A 364 5.12 -27.64 -34.11
N PHE A 365 5.20 -26.95 -32.98
CA PHE A 365 6.21 -27.23 -31.97
C PHE A 365 6.01 -28.58 -31.28
N LEU A 366 4.76 -28.91 -30.97
CA LEU A 366 4.40 -30.21 -30.36
C LEU A 366 4.77 -31.38 -31.28
N LEU A 367 4.44 -31.24 -32.56
CA LEU A 367 4.76 -32.26 -33.56
C LEU A 367 6.28 -32.38 -33.72
N HIS A 368 6.97 -31.24 -33.70
CA HIS A 368 8.44 -31.21 -33.70
C HIS A 368 9.03 -32.02 -32.57
N GLN A 369 8.50 -31.81 -31.35
CA GLN A 369 8.99 -32.52 -30.15
C GLN A 369 8.90 -34.04 -30.25
N ARG A 370 7.80 -34.52 -30.82
CA ARG A 370 7.57 -35.97 -30.95
C ARG A 370 8.25 -36.54 -32.20
N GLY A 371 8.80 -35.65 -33.03
CA GLY A 371 9.41 -36.06 -34.30
C GLY A 371 8.40 -36.55 -35.32
N ILE A 372 7.23 -35.90 -35.34
CA ILE A 372 6.18 -36.20 -36.32
C ILE A 372 6.20 -35.12 -37.39
N GLN A 373 6.44 -35.52 -38.63
CA GLN A 373 6.49 -34.59 -39.74
C GLN A 373 5.15 -34.49 -40.46
N VAL A 374 4.65 -33.27 -40.58
CA VAL A 374 3.37 -32.98 -41.21
C VAL A 374 3.54 -31.73 -42.06
N SER A 375 2.89 -31.69 -43.23
CA SER A 375 2.95 -30.55 -44.13
C SER A 375 2.26 -29.33 -43.52
N LYS A 376 2.55 -28.15 -44.07
CA LYS A 376 1.92 -26.90 -43.61
C LYS A 376 0.40 -26.90 -43.74
N GLU A 377 -0.11 -27.60 -44.74
CA GLU A 377 -1.54 -27.75 -44.94
C GLU A 377 -2.16 -28.66 -43.87
N GLY A 378 -1.43 -29.72 -43.53
CA GLY A 378 -1.82 -30.64 -42.46
C GLY A 378 -1.92 -29.97 -41.11
N ILE A 379 -0.96 -29.09 -40.80
CA ILE A 379 -0.97 -28.30 -39.56
C ILE A 379 -2.21 -27.40 -39.51
N HIS A 380 -2.49 -26.73 -40.62
CA HIS A 380 -3.67 -25.89 -40.80
C HIS A 380 -4.94 -26.67 -40.59
N HIS A 381 -4.92 -27.93 -41.04
CA HIS A 381 -6.03 -28.87 -40.84
C HIS A 381 -6.25 -29.18 -39.38
N LEU A 382 -5.21 -29.67 -38.72
CA LEU A 382 -5.28 -30.04 -37.30
C LEU A 382 -5.66 -28.84 -36.43
N PHE A 383 -5.22 -27.65 -36.86
CA PHE A 383 -5.60 -26.40 -36.22
C PHE A 383 -7.12 -26.24 -36.16
N SER A 384 -7.80 -26.53 -37.27
CA SER A 384 -9.26 -26.45 -37.34
C SER A 384 -9.94 -27.53 -36.50
N LEU A 385 -9.37 -28.73 -36.47
CA LEU A 385 -9.87 -29.82 -35.64
C LEU A 385 -9.76 -29.53 -34.13
N ALA A 386 -8.72 -28.78 -33.76
CA ALA A 386 -8.51 -28.37 -32.36
C ALA A 386 -9.61 -27.42 -31.87
N LYS A 387 -9.96 -26.44 -32.70
CA LYS A 387 -11.01 -25.46 -32.40
C LYS A 387 -12.41 -26.09 -32.47
N SER A 388 -12.52 -27.17 -33.25
CA SER A 388 -13.78 -27.87 -33.45
C SER A 388 -14.21 -28.66 -32.21
N ILE A 389 -13.37 -29.59 -31.78
CA ILE A 389 -13.66 -30.45 -30.62
C ILE A 389 -13.53 -29.67 -29.31
N SER A 390 -13.31 -28.36 -29.42
CA SER A 390 -13.29 -27.47 -28.26
C SER A 390 -14.66 -26.80 -28.07
N SER A 391 -15.28 -26.38 -29.16
CA SER A 391 -16.65 -25.85 -29.15
C SER A 391 -17.64 -26.92 -28.69
N ARG A 392 -17.52 -28.13 -29.26
CA ARG A 392 -18.19 -29.30 -28.72
C ARG A 392 -17.51 -29.66 -27.40
N GLU A 393 -18.31 -29.88 -26.36
CA GLU A 393 -17.83 -29.97 -24.98
C GLU A 393 -17.05 -28.69 -24.61
N ASN A 394 -17.78 -27.57 -24.61
CA ASN A 394 -17.20 -26.22 -24.49
C ASN A 394 -16.53 -25.94 -23.14
N ASN A 395 -15.38 -25.26 -23.14
CA ASN A 395 -14.71 -24.74 -24.35
C ASN A 395 -13.18 -24.76 -24.21
N ARG A 396 -12.51 -24.89 -25.35
CA ARG A 396 -11.04 -24.75 -25.47
C ARG A 396 -10.20 -25.46 -24.39
N GLU A 397 -10.20 -26.79 -24.42
CA GLU A 397 -9.43 -27.59 -23.46
C GLU A 397 -8.76 -28.80 -24.13
N ILE A 398 -7.94 -28.52 -25.15
CA ILE A 398 -7.36 -29.57 -26.00
C ILE A 398 -5.97 -30.03 -25.54
N THR A 399 -5.84 -31.32 -25.27
CA THR A 399 -4.60 -31.92 -24.78
C THR A 399 -3.63 -32.21 -25.93
N GLU A 400 -2.34 -32.27 -25.59
CA GLU A 400 -1.31 -32.66 -26.55
C GLU A 400 -1.50 -34.11 -26.98
N ALA A 401 -1.79 -34.97 -26.00
CA ALA A 401 -1.92 -36.42 -26.21
C ALA A 401 -2.90 -36.78 -27.32
N GLU A 402 -4.06 -36.13 -27.32
CA GLU A 402 -5.10 -36.37 -28.32
C GLU A 402 -4.75 -35.71 -29.66
N LEU A 403 -4.03 -34.59 -29.59
CA LEU A 403 -3.59 -33.88 -30.78
C LEU A 403 -2.53 -34.69 -31.53
N VAL A 404 -1.73 -35.43 -30.76
CA VAL A 404 -0.76 -36.39 -31.33
C VAL A 404 -1.52 -37.56 -31.96
N ALA A 405 -2.57 -38.02 -31.28
CA ALA A 405 -3.44 -39.09 -31.77
C ALA A 405 -4.22 -38.69 -33.02
N LEU A 406 -4.57 -37.40 -33.11
CA LEU A 406 -5.25 -36.85 -34.29
C LEU A 406 -4.37 -36.80 -35.54
N SER A 407 -3.09 -36.47 -35.36
CA SER A 407 -2.16 -36.35 -36.48
C SER A 407 -1.71 -37.71 -37.01
N GLN A 408 -1.57 -38.68 -36.10
CA GLN A 408 -1.01 -39.99 -36.44
C GLN A 408 -1.74 -41.13 -35.72
#